data_8OQX
#
_entry.id   8OQX
#
_cell.length_a   61.700
_cell.length_b   55.650
_cell.length_c   86.000
_cell.angle_alpha   90.000
_cell.angle_beta   93.596
_cell.angle_gamma   90.000
#
_symmetry.space_group_name_H-M   'P 1 21 1'
#
loop_
_entity.id
_entity.type
_entity.pdbx_description
1 polymer ATPase
2 non-polymer 'PHOSPHOMETHYLPHOSPHONIC ACID ADENYLATE ESTER'
3 non-polymer 'SULFATE ION'
4 non-polymer TRIS(HYDROXYETHYL)AMINOMETHANE
5 non-polymer 'MAGNESIUM ION'
6 non-polymer 1,2-ETHANEDIOL
7 non-polymer DI(HYDROXYETHYL)ETHER
8 water water
#
_entity_poly.entity_id   1
_entity_poly.type   'polypeptide(L)'
_entity_poly.pdbx_seq_one_letter_code
;MILIADSGSTKTHWNVLDQGRVIGEIFTKGMNPFFQTPEEMGREIERTLLPQLNSNRFCEVHFFGAGCIPEKVPVVRNVL
KGCLDVSSLIEVDTDMLAAAKASCGRSPGIVCIMGTGSNSCFYDGEKIAANVSPLGFILGDEGSGAVLGKLLIGDLLKNQ
MGEELKEKFLRQYELTPANIIERVYRQPFPNRFLAGISPFLAENIEHPAIHSLVLNAFKSFLTRNVMQFDYTRYKAHFIG
SVAYYYKDILEEAAAATGIRTGTIVRNPMEGLRTYYSTVAKTV
;
_entity_poly.pdbx_strand_id   A,B
#
loop_
_chem_comp.id
_chem_comp.type
_chem_comp.name
_chem_comp.formula
ACP non-polymer 'PHOSPHOMETHYLPHOSPHONIC ACID ADENYLATE ESTER' 'C11 H18 N5 O12 P3'
EDO non-polymer 1,2-ETHANEDIOL 'C2 H6 O2'
MG non-polymer 'MAGNESIUM ION' 'Mg 2'
PEG non-polymer DI(HYDROXYETHYL)ETHER 'C4 H10 O3'
SO4 non-polymer 'SULFATE ION' 'O4 S -2'
TAM non-polymer TRIS(HYDROXYETHYL)AMINOMETHANE 'C7 H17 N O3'
#
# COMPACT_ATOMS: atom_id res chain seq x y z
N MET A 1 -6.12 11.93 41.14
CA MET A 1 -7.21 11.03 41.62
C MET A 1 -7.67 10.12 40.49
N ILE A 2 -8.02 10.69 39.32
CA ILE A 2 -8.34 9.90 38.14
C ILE A 2 -7.26 10.15 37.10
N LEU A 3 -6.73 9.08 36.48
CA LEU A 3 -5.81 9.23 35.36
C LEU A 3 -6.51 8.72 34.10
N ILE A 4 -6.45 9.52 33.02
CA ILE A 4 -7.02 9.16 31.72
C ILE A 4 -5.95 9.31 30.64
N ALA A 5 -5.99 8.39 29.68
CA ALA A 5 -4.98 8.34 28.63
C ALA A 5 -5.65 8.03 27.29
N ASP A 6 -5.16 8.67 26.24
CA ASP A 6 -5.51 8.30 24.89
C ASP A 6 -4.21 8.15 24.12
N SER A 7 -3.95 6.90 23.67
CA SER A 7 -2.69 6.51 23.04
C SER A 7 -2.86 6.33 21.53
N GLY A 8 -2.05 7.07 20.77
CA GLY A 8 -2.06 7.02 19.32
C GLY A 8 -0.72 6.54 18.75
N SER A 9 -0.54 6.72 17.44
CA SER A 9 0.65 6.30 16.73
C SER A 9 1.88 7.02 17.28
N THR A 10 1.77 8.36 17.42
CA THR A 10 2.87 9.26 17.70
C THR A 10 3.07 9.46 19.20
N LYS A 11 1.96 9.61 19.94
CA LYS A 11 2.03 10.01 21.35
C LYS A 11 0.85 9.43 22.14
N THR A 12 1.01 9.43 23.47
CA THR A 12 -0.09 9.23 24.41
C THR A 12 -0.35 10.55 25.13
N HIS A 13 -1.63 10.96 25.19
CA HIS A 13 -2.06 12.10 25.99
C HIS A 13 -2.48 11.57 27.35
N TRP A 14 -1.94 12.17 28.42
CA TRP A 14 -2.41 11.82 29.76
C TRP A 14 -3.05 13.05 30.39
N ASN A 15 -4.17 12.85 31.09
CA ASN A 15 -4.75 13.88 31.94
C ASN A 15 -4.93 13.35 33.35
N VAL A 16 -4.78 14.23 34.34
CA VAL A 16 -5.15 13.92 35.71
C VAL A 16 -6.36 14.77 36.10
N LEU A 17 -7.44 14.10 36.55
CA LEU A 17 -8.57 14.78 37.17
C LEU A 17 -8.40 14.67 38.68
N ASP A 18 -8.32 15.82 39.36
CA ASP A 18 -8.07 15.82 40.79
C ASP A 18 -8.64 17.08 41.44
N GLN A 19 -9.52 16.87 42.43
CA GLN A 19 -10.12 17.90 43.25
C GLN A 19 -10.71 19.00 42.37
N GLY A 20 -11.51 18.58 41.38
CA GLY A 20 -12.26 19.47 40.50
C GLY A 20 -11.39 20.15 39.44
N ARG A 21 -10.08 19.84 39.41
CA ARG A 21 -9.17 20.42 38.45
C ARG A 21 -8.77 19.37 37.41
N VAL A 22 -8.25 19.88 36.28
CA VAL A 22 -7.64 19.09 35.22
C VAL A 22 -6.17 19.47 35.09
N ILE A 23 -5.30 18.46 35.12
CA ILE A 23 -3.91 18.62 34.72
C ILE A 23 -3.73 17.86 33.41
N GLY A 24 -3.50 18.60 32.33
CA GLY A 24 -3.22 18.06 31.02
C GLY A 24 -1.78 18.35 30.61
N GLU A 25 -1.51 18.25 29.31
CA GLU A 25 -0.19 18.51 28.75
C GLU A 25 0.86 17.61 29.41
N ILE A 26 0.53 16.30 29.49
CA ILE A 26 1.43 15.24 29.92
C ILE A 26 1.52 14.22 28.79
N PHE A 27 2.68 14.14 28.12
CA PHE A 27 2.82 13.33 26.92
C PHE A 27 3.89 12.25 27.13
N THR A 28 3.64 11.09 26.54
CA THR A 28 4.66 10.07 26.35
C THR A 28 4.58 9.62 24.89
N LYS A 29 5.44 8.67 24.51
CA LYS A 29 5.37 8.01 23.21
C LYS A 29 4.12 7.15 23.13
N GLY A 30 3.69 6.81 21.90
CA GLY A 30 2.59 5.88 21.70
C GLY A 30 2.81 4.60 22.50
N MET A 31 1.70 3.90 22.82
CA MET A 31 1.80 2.68 23.63
C MET A 31 0.83 1.63 23.10
N ASN A 32 1.27 0.95 22.04
CA ASN A 32 0.48 0.00 21.30
C ASN A 32 1.02 -1.40 21.58
N PRO A 33 0.23 -2.29 22.24
CA PRO A 33 0.73 -3.62 22.64
C PRO A 33 0.96 -4.62 21.51
N PHE A 34 0.61 -4.25 20.27
CA PHE A 34 0.98 -5.08 19.12
C PHE A 34 2.39 -4.77 18.61
N PHE A 35 2.98 -3.68 19.12
CA PHE A 35 4.25 -3.19 18.61
C PHE A 35 5.29 -3.13 19.73
N GLN A 36 4.82 -3.25 20.98
CA GLN A 36 5.70 -3.16 22.13
C GLN A 36 5.49 -4.36 23.03
N THR A 37 6.56 -4.83 23.65
CA THR A 37 6.50 -5.89 24.64
C THR A 37 6.04 -5.29 25.97
N PRO A 38 5.50 -6.10 26.90
CA PRO A 38 5.16 -5.62 28.24
C PRO A 38 6.30 -4.93 28.99
N GLU A 39 7.54 -5.40 28.79
CA GLU A 39 8.69 -4.76 29.42
C GLU A 39 9.02 -3.42 28.74
N GLU A 40 8.73 -3.30 27.44
CA GLU A 40 8.98 -2.03 26.76
C GLU A 40 7.95 -0.99 27.22
N MET A 41 6.70 -1.44 27.40
CA MET A 41 5.62 -0.57 27.83
C MET A 41 5.87 -0.14 29.28
N GLY A 42 6.26 -1.09 30.13
CA GLY A 42 6.59 -0.82 31.53
C GLY A 42 7.75 0.17 31.68
N ARG A 43 8.82 -0.05 30.92
CA ARG A 43 10.00 0.81 30.85
C ARG A 43 9.60 2.24 30.45
N GLU A 44 8.62 2.35 29.55
CA GLU A 44 8.18 3.63 29.00
C GLU A 44 7.38 4.42 30.05
N ILE A 45 6.48 3.75 30.79
CA ILE A 45 5.70 4.41 31.82
C ILE A 45 6.62 4.88 32.95
N GLU A 46 7.56 4.01 33.34
CA GLU A 46 8.47 4.23 34.45
C GLU A 46 9.37 5.42 34.15
N ARG A 47 9.88 5.51 32.91
CA ARG A 47 10.94 6.46 32.58
C ARG A 47 10.36 7.80 32.14
N THR A 48 9.20 7.79 31.47
CA THR A 48 8.73 8.99 30.78
C THR A 48 7.43 9.53 31.39
N LEU A 49 6.61 8.67 32.03
CA LEU A 49 5.39 9.17 32.63
C LEU A 49 5.60 9.55 34.10
N LEU A 50 6.09 8.60 34.89
CA LEU A 50 6.17 8.78 36.34
C LEU A 50 6.88 10.09 36.70
N PRO A 51 8.04 10.44 36.09
CA PRO A 51 8.68 11.73 36.37
C PRO A 51 7.80 12.98 36.22
N GLN A 52 6.72 12.88 35.42
CA GLN A 52 5.83 14.00 35.15
C GLN A 52 4.65 14.02 36.13
N LEU A 53 4.56 13.01 37.01
CA LEU A 53 3.43 12.93 37.93
C LEU A 53 3.96 13.20 39.34
N ASN A 54 3.12 13.82 40.19
CA ASN A 54 3.50 14.07 41.57
C ASN A 54 3.47 12.77 42.35
N SER A 55 2.53 11.90 41.97
CA SER A 55 2.26 10.64 42.64
C SER A 55 1.82 9.61 41.60
N ASN A 56 2.01 8.33 41.93
CA ASN A 56 1.53 7.25 41.07
C ASN A 56 0.25 6.65 41.66
N ARG A 57 -0.35 7.33 42.65
CA ARG A 57 -1.54 6.87 43.35
C ARG A 57 -2.78 7.44 42.66
N PHE A 58 -3.71 6.55 42.29
CA PHE A 58 -4.93 6.95 41.60
C PHE A 58 -6.09 6.09 42.08
N CYS A 59 -7.29 6.68 42.07
CA CYS A 59 -8.53 5.98 42.33
CA CYS A 59 -8.51 5.95 42.34
C CYS A 59 -8.86 5.09 41.12
N GLU A 60 -8.89 5.71 39.93
CA GLU A 60 -9.21 5.01 38.70
C GLU A 60 -8.20 5.40 37.62
N VAL A 61 -8.01 4.47 36.67
CA VAL A 61 -7.25 4.72 35.45
C VAL A 61 -8.13 4.29 34.27
N HIS A 62 -8.22 5.17 33.26
CA HIS A 62 -8.94 4.85 32.04
C HIS A 62 -7.97 5.05 30.87
N PHE A 63 -7.35 3.94 30.47
CA PHE A 63 -6.39 3.93 29.38
C PHE A 63 -7.10 3.54 28.08
N PHE A 64 -6.91 4.37 27.05
CA PHE A 64 -7.43 4.11 25.72
C PHE A 64 -6.28 4.14 24.73
N GLY A 65 -6.25 3.17 23.82
CA GLY A 65 -5.22 3.23 22.79
C GLY A 65 -5.50 2.30 21.62
N ALA A 66 -4.90 2.64 20.47
CA ALA A 66 -4.77 1.76 19.33
C ALA A 66 -4.13 0.45 19.79
N GLY A 67 -4.72 -0.68 19.35
CA GLY A 67 -4.17 -1.99 19.65
C GLY A 67 -4.75 -2.63 20.91
N CYS A 68 -5.51 -1.85 21.71
CA CYS A 68 -6.05 -2.33 22.97
C CYS A 68 -7.38 -3.02 22.75
N ILE A 69 -7.41 -3.96 21.80
CA ILE A 69 -8.50 -4.89 21.55
C ILE A 69 -8.56 -5.90 22.70
N PRO A 70 -9.71 -6.62 22.88
CA PRO A 70 -9.89 -7.63 23.93
C PRO A 70 -8.69 -8.51 24.29
N GLU A 71 -7.99 -9.01 23.26
CA GLU A 71 -6.86 -9.92 23.40
C GLU A 71 -5.72 -9.28 24.19
N LYS A 72 -5.61 -7.94 24.11
CA LYS A 72 -4.45 -7.24 24.62
C LYS A 72 -4.77 -6.46 25.90
N VAL A 73 -6.05 -6.38 26.29
CA VAL A 73 -6.41 -5.55 27.44
C VAL A 73 -5.82 -6.11 28.75
N PRO A 74 -5.76 -7.44 29.00
CA PRO A 74 -5.12 -7.96 30.22
C PRO A 74 -3.63 -7.61 30.35
N VAL A 75 -2.91 -7.63 29.22
CA VAL A 75 -1.52 -7.22 29.13
C VAL A 75 -1.37 -5.77 29.59
N VAL A 76 -2.16 -4.87 28.98
CA VAL A 76 -2.06 -3.45 29.24
C VAL A 76 -2.46 -3.17 30.70
N ARG A 77 -3.57 -3.78 31.15
CA ARG A 77 -3.98 -3.67 32.54
C ARG A 77 -2.80 -4.06 33.44
N ASN A 78 -2.16 -5.19 33.13
CA ASN A 78 -1.01 -5.71 33.88
C ASN A 78 0.11 -4.69 34.00
N VAL A 79 0.47 -4.06 32.89
CA VAL A 79 1.57 -3.11 32.83
C VAL A 79 1.28 -1.95 33.78
N LEU A 80 0.05 -1.41 33.68
CA LEU A 80 -0.43 -0.29 34.46
C LEU A 80 -0.45 -0.59 35.96
N LYS A 81 -0.93 -1.78 36.34
CA LYS A 81 -1.01 -2.17 37.75
C LYS A 81 0.39 -2.28 38.36
N GLY A 82 1.41 -2.50 37.52
CA GLY A 82 2.77 -2.71 37.98
C GLY A 82 3.54 -1.40 38.12
N CYS A 83 3.00 -0.33 37.54
CA CYS A 83 3.67 0.97 37.55
C CYS A 83 2.93 1.94 38.46
N LEU A 84 1.59 1.78 38.53
CA LEU A 84 0.72 2.67 39.26
C LEU A 84 0.12 1.96 40.47
N ASP A 85 -0.19 2.75 41.50
CA ASP A 85 -0.86 2.30 42.71
C ASP A 85 -2.34 2.70 42.57
N VAL A 86 -3.16 1.78 42.05
CA VAL A 86 -4.54 2.09 41.70
C VAL A 86 -5.47 1.41 42.70
N SER A 87 -6.30 2.21 43.38
CA SER A 87 -7.05 1.68 44.50
C SER A 87 -8.35 1.02 44.07
N SER A 88 -8.86 1.36 42.87
CA SER A 88 -10.23 0.98 42.57
C SER A 88 -10.39 0.21 41.26
N LEU A 89 -10.07 0.83 40.12
CA LEU A 89 -10.43 0.28 38.83
C LEU A 89 -9.47 0.77 37.75
N ILE A 90 -9.09 -0.16 36.86
CA ILE A 90 -8.35 0.14 35.64
C ILE A 90 -9.17 -0.33 34.45
N GLU A 91 -9.63 0.64 33.65
CA GLU A 91 -10.26 0.36 32.38
C GLU A 91 -9.22 0.46 31.28
N VAL A 92 -9.25 -0.50 30.35
CA VAL A 92 -8.46 -0.44 29.13
C VAL A 92 -9.39 -0.68 27.94
N ASP A 93 -9.41 0.26 26.99
CA ASP A 93 -10.17 0.05 25.77
C ASP A 93 -9.45 0.72 24.60
N THR A 94 -10.13 0.75 23.44
CA THR A 94 -9.54 1.22 22.19
C THR A 94 -9.64 2.74 22.10
N ASP A 95 -8.78 3.31 21.26
CA ASP A 95 -8.83 4.73 20.93
C ASP A 95 -10.20 5.08 20.35
N MET A 96 -10.78 4.16 19.57
CA MET A 96 -12.10 4.34 18.98
C MET A 96 -13.14 4.61 20.07
N LEU A 97 -13.10 3.84 21.18
CA LEU A 97 -14.07 4.02 22.23
C LEU A 97 -13.86 5.36 22.93
N ALA A 98 -12.60 5.78 23.03
CA ALA A 98 -12.28 7.10 23.55
C ALA A 98 -12.95 8.17 22.69
N ALA A 99 -12.87 8.00 21.36
CA ALA A 99 -13.38 8.99 20.41
C ALA A 99 -14.90 9.07 20.53
N ALA A 100 -15.52 7.91 20.79
CA ALA A 100 -16.97 7.76 20.94
C ALA A 100 -17.43 8.43 22.23
N LYS A 101 -16.75 8.12 23.34
CA LYS A 101 -17.10 8.69 24.63
C LYS A 101 -16.94 10.20 24.57
N ALA A 102 -15.91 10.68 23.86
CA ALA A 102 -15.57 12.09 23.81
C ALA A 102 -16.59 12.89 23.01
N SER A 103 -17.07 12.29 21.91
CA SER A 103 -17.83 13.00 20.90
C SER A 103 -19.35 12.81 21.11
N CYS A 104 -19.73 11.63 21.61
CA CYS A 104 -21.14 11.30 21.72
C CYS A 104 -21.60 11.22 23.17
N GLY A 105 -20.65 11.08 24.10
CA GLY A 105 -21.00 10.94 25.51
C GLY A 105 -21.77 9.64 25.76
N ARG A 106 -23.02 9.78 26.22
CA ARG A 106 -23.84 8.63 26.57
C ARG A 106 -24.94 8.40 25.53
N SER A 107 -24.87 9.09 24.39
CA SER A 107 -25.88 8.91 23.35
C SER A 107 -25.26 8.28 22.11
N PRO A 108 -26.10 7.74 21.17
CA PRO A 108 -25.59 7.05 19.98
C PRO A 108 -25.08 7.97 18.87
N GLY A 109 -24.19 7.43 18.03
CA GLY A 109 -23.74 8.14 16.84
C GLY A 109 -22.70 7.34 16.07
N ILE A 110 -22.41 7.78 14.85
CA ILE A 110 -21.32 7.25 14.07
C ILE A 110 -20.04 7.99 14.47
N VAL A 111 -18.98 7.23 14.78
CA VAL A 111 -17.75 7.86 15.24
C VAL A 111 -16.61 7.45 14.32
N CYS A 112 -15.79 8.44 13.93
CA CYS A 112 -14.65 8.23 13.05
C CYS A 112 -13.40 8.88 13.63
N ILE A 113 -12.26 8.21 13.43
CA ILE A 113 -10.95 8.75 13.72
C ILE A 113 -10.26 9.03 12.39
N MET A 114 -9.65 10.21 12.29
CA MET A 114 -8.85 10.57 11.13
C MET A 114 -7.57 11.24 11.63
N GLY A 115 -6.54 10.40 11.86
CA GLY A 115 -5.20 10.85 12.20
C GLY A 115 -4.17 10.20 11.29
N THR A 116 -3.14 9.58 11.89
CA THR A 116 -2.16 8.76 11.19
C THR A 116 -2.88 7.65 10.43
N GLY A 117 -3.78 6.95 11.12
CA GLY A 117 -4.70 6.03 10.46
C GLY A 117 -6.12 6.61 10.46
N SER A 118 -7.07 5.83 9.93
CA SER A 118 -8.47 6.23 9.99
C SER A 118 -9.30 5.03 10.43
N ASN A 119 -10.50 5.30 10.95
CA ASN A 119 -11.36 4.24 11.47
C ASN A 119 -12.77 4.81 11.61
N SER A 120 -13.77 3.92 11.60
CA SER A 120 -15.16 4.31 11.77
C SER A 120 -15.94 3.20 12.45
N CYS A 121 -16.95 3.60 13.23
CA CYS A 121 -17.75 2.67 14.01
C CYS A 121 -19.13 3.28 14.28
N PHE A 122 -20.04 2.41 14.73
CA PHE A 122 -21.28 2.83 15.33
C PHE A 122 -21.21 2.57 16.84
N TYR A 123 -21.52 3.62 17.60
CA TYR A 123 -21.53 3.65 19.04
C TYR A 123 -22.99 3.75 19.48
N ASP A 124 -23.42 2.87 20.40
CA ASP A 124 -24.82 2.79 20.82
C ASP A 124 -25.10 3.70 22.02
N GLY A 125 -24.07 4.42 22.49
CA GLY A 125 -24.20 5.27 23.66
C GLY A 125 -23.44 4.74 24.86
N GLU A 126 -23.06 3.45 24.76
CA GLU A 126 -22.46 2.67 25.82
C GLU A 126 -21.21 1.99 25.29
N LYS A 127 -21.32 1.39 24.10
CA LYS A 127 -20.24 0.59 23.51
C LYS A 127 -20.34 0.67 21.99
N ILE A 128 -19.24 0.28 21.33
CA ILE A 128 -19.18 0.15 19.89
C ILE A 128 -19.99 -1.07 19.47
N ALA A 129 -21.04 -0.85 18.67
CA ALA A 129 -21.99 -1.90 18.29
C ALA A 129 -21.62 -2.50 16.92
N ALA A 130 -20.90 -1.72 16.10
CA ALA A 130 -20.46 -2.12 14.78
C ALA A 130 -19.23 -1.30 14.40
N ASN A 131 -18.45 -1.78 13.43
CA ASN A 131 -17.23 -1.10 13.01
C ASN A 131 -16.80 -1.59 11.62
N VAL A 132 -16.01 -0.77 10.92
CA VAL A 132 -15.41 -1.17 9.66
C VAL A 132 -13.91 -1.27 9.89
N SER A 133 -13.37 -2.50 9.83
CA SER A 133 -11.93 -2.69 9.94
C SER A 133 -11.24 -1.77 8.94
N PRO A 134 -10.30 -0.88 9.39
CA PRO A 134 -9.59 0.01 8.49
C PRO A 134 -8.72 -0.62 7.39
N LEU A 135 -7.99 -1.69 7.74
CA LEU A 135 -7.22 -2.54 6.84
C LEU A 135 -5.80 -2.02 6.60
N GLY A 136 -5.36 -0.97 7.30
CA GLY A 136 -4.00 -0.50 7.14
C GLY A 136 -3.80 0.45 5.95
N PHE A 137 -2.63 1.09 5.90
CA PHE A 137 -2.34 2.18 4.97
C PHE A 137 -2.23 1.69 3.52
N ILE A 138 -2.07 0.36 3.31
CA ILE A 138 -1.99 -0.19 1.96
C ILE A 138 -3.39 -0.50 1.41
N LEU A 139 -4.20 -1.26 2.16
CA LEU A 139 -5.45 -1.82 1.65
C LEU A 139 -6.62 -0.85 1.89
N GLY A 140 -6.46 0.06 2.84
CA GLY A 140 -7.59 0.84 3.34
C GLY A 140 -7.15 2.13 4.01
N ASP A 141 -7.62 2.34 5.25
CA ASP A 141 -7.28 3.55 6.00
C ASP A 141 -7.55 4.82 5.20
N GLU A 142 -8.64 4.85 4.42
CA GLU A 142 -8.96 5.99 3.57
C GLU A 142 -9.03 7.28 4.40
N GLY A 143 -8.43 8.35 3.86
CA GLY A 143 -8.52 9.67 4.46
C GLY A 143 -7.51 9.90 5.57
N SER A 144 -6.71 8.86 5.90
CA SER A 144 -5.72 8.97 6.96
C SER A 144 -4.54 9.82 6.47
N GLY A 145 -3.72 10.27 7.43
CA GLY A 145 -2.48 10.95 7.13
C GLY A 145 -1.55 10.10 6.27
N ALA A 146 -1.46 8.80 6.59
CA ALA A 146 -0.60 7.88 5.86
C ALA A 146 -1.06 7.76 4.41
N VAL A 147 -2.38 7.65 4.21
CA VAL A 147 -2.89 7.47 2.86
C VAL A 147 -2.76 8.79 2.08
N LEU A 148 -3.03 9.92 2.76
CA LEU A 148 -2.84 11.23 2.13
C LEU A 148 -1.39 11.35 1.66
N GLY A 149 -0.45 10.95 2.52
CA GLY A 149 0.96 10.94 2.20
C GLY A 149 1.29 10.01 1.03
N LYS A 150 0.64 8.83 1.03
CA LYS A 150 0.82 7.84 -0.04
C LYS A 150 0.35 8.42 -1.38
N LEU A 151 -0.76 9.16 -1.33
CA LEU A 151 -1.36 9.69 -2.55
C LEU A 151 -0.50 10.83 -3.08
N LEU A 152 -0.02 11.68 -2.16
CA LEU A 152 0.79 12.84 -2.52
C LEU A 152 2.09 12.40 -3.17
N ILE A 153 2.79 11.44 -2.56
CA ILE A 153 4.11 11.03 -3.03
C ILE A 153 4.00 10.39 -4.41
N GLY A 154 2.97 9.57 -4.61
CA GLY A 154 2.63 9.03 -5.91
C GLY A 154 2.37 10.12 -6.96
N ASP A 155 1.61 11.16 -6.58
CA ASP A 155 1.29 12.23 -7.53
C ASP A 155 2.53 13.04 -7.91
N LEU A 156 3.37 13.37 -6.91
CA LEU A 156 4.55 14.19 -7.16
C LEU A 156 5.59 13.43 -8.01
N LEU A 157 5.92 12.19 -7.63
CA LEU A 157 6.99 11.46 -8.29
C LEU A 157 6.59 11.00 -9.69
N LYS A 158 5.28 10.87 -9.96
CA LYS A 158 4.75 10.49 -11.26
C LYS A 158 4.44 11.73 -12.10
N ASN A 159 4.86 12.90 -11.61
CA ASN A 159 4.69 14.19 -12.28
C ASN A 159 3.22 14.49 -12.57
N GLN A 160 2.35 14.23 -11.59
CA GLN A 160 0.93 14.55 -11.78
C GLN A 160 0.63 15.98 -11.30
N MET A 161 1.63 16.63 -10.68
CA MET A 161 1.36 17.87 -9.98
C MET A 161 2.34 18.97 -10.37
N GLY A 162 3.11 18.74 -11.44
CA GLY A 162 4.03 19.74 -11.94
C GLY A 162 5.36 19.70 -11.17
N GLU A 163 6.36 20.35 -11.77
CA GLU A 163 7.74 20.31 -11.32
C GLU A 163 7.92 21.07 -10.00
N GLU A 164 7.22 22.22 -9.87
CA GLU A 164 7.43 23.14 -8.76
C GLU A 164 7.08 22.48 -7.43
N LEU A 165 5.86 21.93 -7.31
CA LEU A 165 5.41 21.27 -6.08
C LEU A 165 6.28 20.06 -5.73
N LYS A 166 6.83 19.38 -6.75
CA LYS A 166 7.63 18.19 -6.54
C LYS A 166 8.96 18.57 -5.86
N GLU A 167 9.65 19.56 -6.43
CA GLU A 167 10.97 19.98 -5.98
C GLU A 167 10.85 20.68 -4.62
N LYS A 168 9.75 21.40 -4.39
CA LYS A 168 9.48 22.09 -3.14
C LYS A 168 9.31 21.06 -2.00
N PHE A 169 8.69 19.93 -2.33
CA PHE A 169 8.48 18.85 -1.37
C PHE A 169 9.82 18.19 -1.00
N LEU A 170 10.61 17.82 -2.02
CA LEU A 170 11.86 17.10 -1.83
C LEU A 170 12.87 17.96 -1.06
N ARG A 171 12.86 19.27 -1.36
CA ARG A 171 13.76 20.22 -0.73
C ARG A 171 13.35 20.41 0.73
N GLN A 172 12.04 20.42 0.98
CA GLN A 172 11.47 20.79 2.28
C GLN A 172 11.79 19.70 3.31
N TYR A 173 11.67 18.46 2.88
CA TYR A 173 11.80 17.30 3.76
C TYR A 173 13.17 16.66 3.60
N GLU A 174 13.99 17.24 2.71
CA GLU A 174 15.34 16.78 2.40
C GLU A 174 15.31 15.31 1.98
N LEU A 175 14.45 15.01 0.99
CA LEU A 175 14.24 13.67 0.46
C LEU A 175 14.73 13.60 -0.99
N THR A 176 15.21 12.43 -1.39
CA THR A 176 15.36 12.08 -2.79
C THR A 176 14.32 11.01 -3.12
N PRO A 177 13.97 10.80 -4.41
CA PRO A 177 13.09 9.68 -4.79
C PRO A 177 13.60 8.34 -4.24
N ALA A 178 14.93 8.17 -4.21
CA ALA A 178 15.55 6.94 -3.73
C ALA A 178 15.27 6.73 -2.24
N ASN A 179 15.37 7.81 -1.45
CA ASN A 179 15.14 7.78 -0.01
C ASN A 179 13.69 7.39 0.28
N ILE A 180 12.76 7.97 -0.49
CA ILE A 180 11.33 7.73 -0.34
C ILE A 180 11.03 6.25 -0.56
N ILE A 181 11.59 5.66 -1.62
CA ILE A 181 11.37 4.25 -1.93
C ILE A 181 11.88 3.40 -0.76
N GLU A 182 13.11 3.69 -0.32
CA GLU A 182 13.75 3.02 0.81
C GLU A 182 12.84 3.04 2.05
N ARG A 183 12.25 4.20 2.36
CA ARG A 183 11.51 4.42 3.59
C ARG A 183 10.13 3.75 3.51
N VAL A 184 9.56 3.68 2.31
CA VAL A 184 8.22 3.16 2.10
C VAL A 184 8.24 1.64 2.06
N TYR A 185 9.30 1.04 1.48
CA TYR A 185 9.33 -0.39 1.17
C TYR A 185 10.26 -1.17 2.09
N ARG A 186 11.25 -0.49 2.69
CA ARG A 186 12.39 -1.20 3.28
C ARG A 186 12.74 -0.72 4.68
N GLN A 187 11.88 0.06 5.33
CA GLN A 187 12.16 0.55 6.68
C GLN A 187 10.92 0.37 7.56
N PRO A 188 11.06 0.30 8.90
CA PRO A 188 9.90 0.15 9.79
C PRO A 188 8.94 1.35 9.73
N PHE A 189 7.67 1.08 10.05
CA PHE A 189 6.62 2.09 10.18
C PHE A 189 6.54 3.01 8.97
N PRO A 190 6.40 2.47 7.73
CA PRO A 190 6.27 3.33 6.54
C PRO A 190 5.04 4.23 6.57
N ASN A 191 3.99 3.78 7.28
CA ASN A 191 2.76 4.53 7.45
C ASN A 191 3.02 5.81 8.23
N ARG A 192 3.94 5.74 9.22
CA ARG A 192 4.30 6.89 10.03
C ARG A 192 5.08 7.89 9.17
N PHE A 193 6.00 7.38 8.33
CA PHE A 193 6.79 8.23 7.46
C PHE A 193 5.86 9.01 6.53
N LEU A 194 4.90 8.30 5.91
CA LEU A 194 3.98 8.86 4.93
C LEU A 194 3.09 9.92 5.59
N ALA A 195 2.58 9.63 6.80
CA ALA A 195 1.76 10.56 7.54
C ALA A 195 2.53 11.83 7.88
N GLY A 196 3.82 11.66 8.23
CA GLY A 196 4.70 12.75 8.63
C GLY A 196 4.94 13.76 7.51
N ILE A 197 4.75 13.36 6.25
CA ILE A 197 4.99 14.26 5.13
C ILE A 197 3.67 14.78 4.55
N SER A 198 2.54 14.34 5.09
CA SER A 198 1.22 14.73 4.60
C SER A 198 0.89 16.20 4.89
N PRO A 199 1.42 16.88 5.95
CA PRO A 199 1.10 18.29 6.21
C PRO A 199 1.42 19.21 5.03
N PHE A 200 2.19 18.69 4.06
CA PHE A 200 2.49 19.42 2.84
C PHE A 200 1.19 19.79 2.11
N LEU A 201 0.16 18.95 2.28
CA LEU A 201 -1.15 19.18 1.67
C LEU A 201 -1.80 20.42 2.28
N ALA A 202 -1.92 20.46 3.61
CA ALA A 202 -2.49 21.60 4.32
C ALA A 202 -1.75 22.89 3.97
N GLU A 203 -0.43 22.81 3.80
CA GLU A 203 0.40 23.99 3.57
C GLU A 203 0.18 24.55 2.18
N ASN A 204 -0.28 23.70 1.25
CA ASN A 204 -0.35 24.03 -0.16
C ASN A 204 -1.77 23.83 -0.68
N ILE A 205 -2.76 23.95 0.24
CA ILE A 205 -4.14 23.56 -0.01
C ILE A 205 -4.76 24.45 -1.10
N GLU A 206 -4.17 25.63 -1.31
CA GLU A 206 -4.62 26.61 -2.28
C GLU A 206 -4.53 26.05 -3.69
N HIS A 207 -3.53 25.20 -3.94
CA HIS A 207 -3.34 24.55 -5.23
C HIS A 207 -4.53 23.63 -5.55
N PRO A 208 -5.26 23.87 -6.66
CA PRO A 208 -6.45 23.06 -6.99
C PRO A 208 -6.19 21.55 -6.92
N ALA A 209 -5.03 21.10 -7.39
CA ALA A 209 -4.69 19.68 -7.43
C ALA A 209 -4.51 19.08 -6.03
N ILE A 210 -4.03 19.90 -5.07
CA ILE A 210 -3.83 19.46 -3.70
C ILE A 210 -5.18 19.35 -3.00
N HIS A 211 -6.00 20.40 -3.15
CA HIS A 211 -7.37 20.45 -2.63
C HIS A 211 -8.17 19.25 -3.12
N SER A 212 -8.01 18.91 -4.40
CA SER A 212 -8.68 17.80 -5.04
C SER A 212 -8.22 16.45 -4.45
N LEU A 213 -6.92 16.28 -4.26
CA LEU A 213 -6.37 15.06 -3.66
C LEU A 213 -7.05 14.81 -2.31
N VAL A 214 -7.16 15.86 -1.49
CA VAL A 214 -7.70 15.72 -0.14
C VAL A 214 -9.21 15.44 -0.22
N LEU A 215 -9.91 16.15 -1.12
CA LEU A 215 -11.35 16.03 -1.25
C LEU A 215 -11.73 14.61 -1.68
N ASN A 216 -11.02 14.10 -2.69
CA ASN A 216 -11.29 12.76 -3.20
C ASN A 216 -10.98 11.71 -2.13
N ALA A 217 -9.90 11.91 -1.37
CA ALA A 217 -9.49 10.97 -0.33
C ALA A 217 -10.58 10.84 0.72
N PHE A 218 -11.15 12.00 1.10
CA PHE A 218 -12.16 12.10 2.15
C PHE A 218 -13.49 11.51 1.66
N LYS A 219 -13.85 11.79 0.41
CA LYS A 219 -15.06 11.22 -0.18
C LYS A 219 -14.96 9.71 -0.13
N SER A 220 -13.73 9.21 -0.38
CA SER A 220 -13.44 7.79 -0.42
C SER A 220 -13.62 7.19 0.96
N PHE A 221 -13.11 7.87 2.01
CA PHE A 221 -13.31 7.44 3.38
C PHE A 221 -14.80 7.34 3.73
N LEU A 222 -15.56 8.36 3.34
CA LEU A 222 -16.97 8.45 3.70
C LEU A 222 -17.79 7.38 2.99
N THR A 223 -17.57 7.19 1.68
CA THR A 223 -18.37 6.26 0.90
C THR A 223 -18.03 4.80 1.27
N ARG A 224 -16.79 4.55 1.66
CA ARG A 224 -16.32 3.19 1.88
C ARG A 224 -16.43 2.77 3.36
N ASN A 225 -16.51 3.75 4.27
CA ASN A 225 -16.52 3.46 5.71
C ASN A 225 -17.81 3.94 6.37
N VAL A 226 -18.08 5.25 6.32
CA VAL A 226 -19.19 5.84 7.07
C VAL A 226 -20.54 5.38 6.51
N MET A 227 -20.63 5.25 5.18
CA MET A 227 -21.91 4.99 4.54
C MET A 227 -22.39 3.56 4.80
N GLN A 228 -21.54 2.74 5.44
CA GLN A 228 -21.90 1.38 5.83
C GLN A 228 -22.83 1.42 7.05
N PHE A 229 -22.80 2.52 7.80
CA PHE A 229 -23.66 2.70 8.96
C PHE A 229 -24.91 3.47 8.55
N ASP A 230 -25.90 3.52 9.46
CA ASP A 230 -27.17 4.18 9.20
C ASP A 230 -26.98 5.71 9.25
N TYR A 231 -26.40 6.25 8.16
CA TYR A 231 -25.86 7.61 8.16
C TYR A 231 -26.95 8.66 7.93
N THR A 232 -28.11 8.25 7.39
CA THR A 232 -29.21 9.17 7.16
C THR A 232 -29.96 9.43 8.46
N ARG A 233 -29.57 8.69 9.51
CA ARG A 233 -30.28 8.67 10.78
C ARG A 233 -29.36 9.20 11.89
N TYR A 234 -28.05 9.03 11.73
CA TYR A 234 -27.10 9.43 12.76
C TYR A 234 -26.05 10.37 12.19
N LYS A 235 -25.67 11.38 13.00
CA LYS A 235 -24.53 12.24 12.72
C LYS A 235 -23.24 11.42 12.79
N ALA A 236 -22.28 11.78 11.94
CA ALA A 236 -20.95 11.23 12.06
C ALA A 236 -20.03 12.25 12.75
N HIS A 237 -19.37 11.81 13.81
CA HIS A 237 -18.41 12.62 14.56
C HIS A 237 -17.00 12.21 14.17
N PHE A 238 -16.09 13.19 14.07
CA PHE A 238 -14.73 12.94 13.63
C PHE A 238 -13.74 13.49 14.64
N ILE A 239 -12.75 12.66 14.98
CA ILE A 239 -11.70 12.98 15.93
C ILE A 239 -10.36 12.77 15.24
N GLY A 240 -9.44 13.73 15.38
CA GLY A 240 -8.10 13.55 14.86
C GLY A 240 -7.59 14.77 14.11
N SER A 241 -6.27 14.85 13.96
CA SER A 241 -5.61 16.04 13.42
C SER A 241 -5.91 16.21 11.94
N VAL A 242 -6.07 15.09 11.21
CA VAL A 242 -6.42 15.14 9.80
C VAL A 242 -7.84 15.69 9.66
N ALA A 243 -8.79 15.13 10.42
CA ALA A 243 -10.16 15.62 10.47
C ALA A 243 -10.19 17.13 10.73
N TYR A 244 -9.38 17.56 11.69
CA TYR A 244 -9.43 18.93 12.19
C TYR A 244 -8.78 19.90 11.21
N TYR A 245 -7.56 19.60 10.76
CA TYR A 245 -6.78 20.54 9.95
C TYR A 245 -7.25 20.58 8.50
N TYR A 246 -8.17 19.68 8.12
CA TYR A 246 -8.74 19.68 6.78
C TYR A 246 -10.28 19.72 6.88
N LYS A 247 -10.75 20.25 8.01
CA LYS A 247 -12.15 20.33 8.43
C LYS A 247 -13.05 20.84 7.31
N ASP A 248 -12.57 21.88 6.59
CA ASP A 248 -13.32 22.55 5.54
C ASP A 248 -13.58 21.58 4.39
N ILE A 249 -12.54 20.82 4.03
CA ILE A 249 -12.62 19.82 2.97
C ILE A 249 -13.44 18.62 3.43
N LEU A 250 -13.34 18.25 4.72
CA LEU A 250 -14.13 17.15 5.26
C LEU A 250 -15.63 17.46 5.19
N GLU A 251 -16.01 18.72 5.50
CA GLU A 251 -17.40 19.16 5.43
C GLU A 251 -17.87 19.17 3.97
N GLU A 252 -17.02 19.71 3.08
CA GLU A 252 -17.26 19.65 1.64
C GLU A 252 -17.52 18.21 1.18
N ALA A 253 -16.74 17.25 1.68
CA ALA A 253 -16.87 15.85 1.30
C ALA A 253 -18.21 15.29 1.80
N ALA A 254 -18.57 15.67 3.04
CA ALA A 254 -19.80 15.22 3.67
C ALA A 254 -21.03 15.77 2.94
N ALA A 255 -20.97 17.03 2.50
CA ALA A 255 -22.08 17.64 1.79
C ALA A 255 -22.27 16.97 0.43
N ALA A 256 -21.15 16.59 -0.21
CA ALA A 256 -21.16 16.02 -1.54
C ALA A 256 -21.65 14.57 -1.51
N THR A 257 -21.53 13.89 -0.36
CA THR A 257 -21.87 12.48 -0.26
C THR A 257 -23.20 12.27 0.44
N GLY A 258 -23.59 13.22 1.31
CA GLY A 258 -24.89 13.19 1.97
C GLY A 258 -24.82 12.82 3.45
N ILE A 259 -23.69 13.13 4.08
CA ILE A 259 -23.45 12.73 5.46
C ILE A 259 -23.65 13.94 6.39
N ARG A 260 -24.51 13.76 7.39
CA ARG A 260 -24.69 14.72 8.48
C ARG A 260 -23.46 14.69 9.38
N THR A 261 -22.74 15.81 9.40
CA THR A 261 -21.55 16.03 10.20
C THR A 261 -21.96 16.45 11.62
N GLY A 262 -21.20 15.97 12.62
CA GLY A 262 -21.36 16.41 14.00
C GLY A 262 -20.09 17.10 14.50
N THR A 263 -19.63 16.70 15.69
CA THR A 263 -18.36 17.12 16.28
C THR A 263 -17.22 16.87 15.28
N ILE A 264 -16.38 17.89 15.05
CA ILE A 264 -15.07 17.69 14.45
C ILE A 264 -14.02 18.30 15.38
N VAL A 265 -13.23 17.43 16.04
CA VAL A 265 -12.33 17.86 17.09
C VAL A 265 -10.95 17.23 16.87
N ARG A 266 -9.90 17.95 17.28
CA ARG A 266 -8.52 17.57 17.02
C ARG A 266 -8.13 16.33 17.82
N ASN A 267 -8.54 16.26 19.08
CA ASN A 267 -8.27 15.10 19.93
C ASN A 267 -9.41 14.93 20.92
N PRO A 268 -9.60 13.71 21.49
CA PRO A 268 -10.73 13.44 22.36
C PRO A 268 -10.58 13.81 23.85
N MET A 269 -9.49 14.50 24.22
CA MET A 269 -9.15 14.69 25.63
C MET A 269 -10.15 15.62 26.31
N GLU A 270 -10.51 16.74 25.68
CA GLU A 270 -11.50 17.64 26.26
C GLU A 270 -12.80 16.87 26.49
N GLY A 271 -13.28 16.16 25.45
CA GLY A 271 -14.49 15.36 25.53
C GLY A 271 -14.44 14.23 26.56
N LEU A 272 -13.26 13.60 26.75
CA LEU A 272 -13.11 12.54 27.73
C LEU A 272 -13.25 13.12 29.14
N ARG A 273 -12.67 14.31 29.36
CA ARG A 273 -12.78 15.00 30.64
C ARG A 273 -14.22 15.35 30.96
N THR A 274 -14.96 15.84 29.95
CA THR A 274 -16.39 16.07 30.07
C THR A 274 -17.08 14.75 30.45
N TYR A 275 -16.68 13.65 29.79
CA TYR A 275 -17.27 12.34 30.04
C TYR A 275 -17.13 11.96 31.51
N TYR A 276 -15.92 12.13 32.08
CA TYR A 276 -15.62 11.66 33.42
C TYR A 276 -16.07 12.65 34.51
N SER A 277 -16.43 13.86 34.11
CA SER A 277 -16.98 14.83 35.04
C SER A 277 -18.51 14.74 35.10
N THR A 278 -19.14 14.56 33.93
CA THR A 278 -20.60 14.61 33.83
C THR A 278 -21.22 13.22 33.90
N VAL A 279 -21.16 12.46 32.80
CA VAL A 279 -21.83 11.17 32.68
C VAL A 279 -21.20 10.11 33.60
N ALA A 280 -19.88 9.90 33.48
CA ALA A 280 -19.21 8.81 34.18
C ALA A 280 -18.95 9.14 35.66
N LYS A 281 -19.25 10.38 36.08
CA LYS A 281 -19.10 10.78 37.47
C LYS A 281 -20.01 9.93 38.34
N THR A 282 -21.22 9.68 37.84
CA THR A 282 -22.29 9.01 38.55
C THR A 282 -21.98 7.52 38.79
N VAL A 283 -21.12 6.94 37.95
CA VAL A 283 -20.61 5.59 38.17
C VAL A 283 -19.08 5.65 38.28
N MET B 1 23.79 -22.67 -31.46
CA MET B 1 22.54 -22.47 -30.68
C MET B 1 22.67 -21.18 -29.87
N ILE B 2 21.56 -20.43 -29.76
CA ILE B 2 21.51 -19.27 -28.87
C ILE B 2 20.44 -19.52 -27.79
N LEU B 3 20.66 -18.91 -26.62
CA LEU B 3 19.76 -19.05 -25.48
C LEU B 3 19.23 -17.65 -25.14
N ILE B 4 17.90 -17.53 -25.04
CA ILE B 4 17.27 -16.27 -24.67
C ILE B 4 16.42 -16.52 -23.43
N ALA B 5 16.37 -15.49 -22.55
CA ALA B 5 15.68 -15.60 -21.27
C ALA B 5 15.01 -14.28 -20.93
N ASP B 6 13.81 -14.38 -20.36
CA ASP B 6 13.10 -13.24 -19.80
C ASP B 6 12.65 -13.62 -18.39
N SER B 7 13.20 -12.90 -17.40
CA SER B 7 13.05 -13.23 -15.99
C SER B 7 12.21 -12.16 -15.29
N GLY B 8 11.10 -12.57 -14.69
CA GLY B 8 10.27 -11.68 -13.87
C GLY B 8 10.19 -12.18 -12.43
N SER B 9 9.13 -11.77 -11.72
CA SER B 9 9.05 -12.08 -10.29
C SER B 9 8.64 -13.52 -10.03
N THR B 10 7.99 -14.15 -11.03
CA THR B 10 7.40 -15.47 -10.90
C THR B 10 8.31 -16.53 -11.52
N LYS B 11 8.65 -16.33 -12.80
CA LYS B 11 9.32 -17.34 -13.59
C LYS B 11 10.49 -16.68 -14.33
N THR B 12 11.42 -17.52 -14.78
CA THR B 12 12.29 -17.20 -15.91
C THR B 12 11.91 -18.07 -17.10
N HIS B 13 11.52 -17.41 -18.20
CA HIS B 13 11.21 -18.04 -19.48
CA HIS B 13 11.22 -18.10 -19.45
C HIS B 13 12.51 -18.18 -20.26
N TRP B 14 12.88 -19.40 -20.69
CA TRP B 14 14.06 -19.61 -21.53
C TRP B 14 13.66 -20.26 -22.86
N ASN B 15 14.30 -19.81 -23.96
CA ASN B 15 14.19 -20.48 -25.25
C ASN B 15 15.59 -20.84 -25.75
N VAL B 16 15.72 -22.02 -26.34
CA VAL B 16 16.91 -22.40 -27.10
C VAL B 16 16.58 -22.27 -28.59
N LEU B 17 17.42 -21.51 -29.32
CA LEU B 17 17.26 -21.34 -30.76
C LEU B 17 18.42 -22.03 -31.48
N ASP B 18 18.08 -22.87 -32.46
CA ASP B 18 19.08 -23.54 -33.28
C ASP B 18 18.50 -23.80 -34.67
N GLN B 19 19.21 -23.27 -35.69
CA GLN B 19 18.98 -23.53 -37.10
C GLN B 19 17.54 -23.23 -37.50
N GLY B 20 17.02 -22.07 -37.09
CA GLY B 20 15.69 -21.65 -37.48
C GLY B 20 14.59 -22.38 -36.71
N ARG B 21 14.98 -23.21 -35.74
CA ARG B 21 14.03 -23.93 -34.89
C ARG B 21 14.16 -23.44 -33.46
N VAL B 22 13.04 -23.48 -32.73
CA VAL B 22 13.00 -23.31 -31.29
C VAL B 22 13.13 -24.70 -30.67
N ILE B 23 14.28 -24.98 -30.04
CA ILE B 23 14.72 -26.33 -29.73
C ILE B 23 14.28 -26.73 -28.32
N GLY B 24 13.93 -25.72 -27.50
CA GLY B 24 13.43 -25.96 -26.16
C GLY B 24 12.68 -24.73 -25.65
N GLU B 25 11.67 -25.00 -24.77
CA GLU B 25 10.97 -23.99 -23.99
C GLU B 25 11.00 -24.41 -22.51
N ILE B 26 11.75 -23.64 -21.74
CA ILE B 26 12.20 -24.04 -20.41
C ILE B 26 11.82 -22.95 -19.41
N PHE B 27 11.32 -23.38 -18.25
CA PHE B 27 11.02 -22.46 -17.17
C PHE B 27 11.87 -22.80 -15.94
N THR B 28 12.38 -21.76 -15.29
CA THR B 28 12.88 -21.79 -13.93
C THR B 28 12.14 -20.72 -13.12
N LYS B 29 12.48 -20.61 -11.83
CA LYS B 29 12.03 -19.52 -10.97
C LYS B 29 12.62 -18.20 -11.46
N GLY B 30 12.03 -17.10 -10.97
CA GLY B 30 12.56 -15.76 -11.20
C GLY B 30 13.95 -15.60 -10.58
N MET B 31 14.76 -14.76 -11.23
CA MET B 31 16.13 -14.48 -10.81
C MET B 31 16.36 -12.98 -10.84
N ASN B 32 15.95 -12.30 -9.76
CA ASN B 32 16.20 -10.88 -9.61
C ASN B 32 17.46 -10.70 -8.75
N PRO B 33 18.54 -10.07 -9.29
CA PRO B 33 19.77 -9.85 -8.53
C PRO B 33 19.65 -8.95 -7.29
N PHE B 34 18.51 -8.28 -7.12
CA PHE B 34 18.29 -7.50 -5.90
C PHE B 34 17.75 -8.38 -4.78
N PHE B 35 17.30 -9.59 -5.12
CA PHE B 35 16.60 -10.45 -4.18
C PHE B 35 17.30 -11.80 -4.03
N GLN B 36 18.47 -11.93 -4.67
CA GLN B 36 19.25 -13.16 -4.66
C GLN B 36 20.74 -12.81 -4.73
N THR B 37 21.54 -13.59 -3.99
CA THR B 37 22.99 -13.56 -4.12
C THR B 37 23.39 -14.16 -5.47
N PRO B 38 24.58 -13.84 -6.01
CA PRO B 38 25.08 -14.53 -7.22
C PRO B 38 25.13 -16.05 -7.04
N GLU B 39 25.45 -16.49 -5.81
CA GLU B 39 25.53 -17.89 -5.45
C GLU B 39 24.18 -18.58 -5.62
N GLU B 40 23.12 -17.98 -5.03
CA GLU B 40 21.76 -18.52 -5.08
C GLU B 40 21.26 -18.59 -6.52
N MET B 41 21.66 -17.63 -7.36
CA MET B 41 21.24 -17.62 -8.74
CA MET B 41 21.26 -17.60 -8.75
C MET B 41 21.92 -18.78 -9.47
N GLY B 42 23.22 -18.96 -9.23
CA GLY B 42 24.00 -20.04 -9.81
C GLY B 42 23.40 -21.41 -9.47
N ARG B 43 23.02 -21.61 -8.21
CA ARG B 43 22.49 -22.87 -7.72
C ARG B 43 21.17 -23.20 -8.40
N GLU B 44 20.27 -22.20 -8.52
CA GLU B 44 18.98 -22.33 -9.18
C GLU B 44 19.15 -22.70 -10.65
N ILE B 45 20.10 -22.07 -11.35
CA ILE B 45 20.38 -22.39 -12.75
C ILE B 45 20.85 -23.85 -12.86
N GLU B 46 21.82 -24.23 -12.03
CA GLU B 46 22.41 -25.57 -12.10
C GLU B 46 21.36 -26.63 -11.79
N ARG B 47 20.50 -26.33 -10.82
CA ARG B 47 19.58 -27.30 -10.26
C ARG B 47 18.31 -27.42 -11.11
N THR B 48 17.90 -26.33 -11.79
CA THR B 48 16.60 -26.35 -12.45
C THR B 48 16.67 -26.08 -13.95
N LEU B 49 17.65 -25.28 -14.42
CA LEU B 49 17.76 -25.06 -15.87
C LEU B 49 18.59 -26.17 -16.53
N LEU B 50 19.79 -26.44 -15.98
CA LEU B 50 20.76 -27.26 -16.67
C LEU B 50 20.21 -28.66 -16.96
N PRO B 51 19.44 -29.31 -16.04
CA PRO B 51 18.85 -30.62 -16.32
C PRO B 51 17.90 -30.64 -17.51
N GLN B 52 17.36 -29.47 -17.87
CA GLN B 52 16.40 -29.33 -18.96
C GLN B 52 17.11 -29.05 -20.30
N LEU B 53 18.44 -28.89 -20.27
CA LEU B 53 19.23 -28.69 -21.49
C LEU B 53 19.94 -30.00 -21.85
N ASN B 54 20.24 -30.19 -23.14
CA ASN B 54 20.94 -31.39 -23.59
C ASN B 54 22.39 -31.06 -23.94
N SER B 55 22.78 -29.79 -23.70
CA SER B 55 24.15 -29.31 -23.79
C SER B 55 24.19 -27.92 -23.14
N ASN B 56 25.39 -27.47 -22.76
CA ASN B 56 25.52 -26.16 -22.13
C ASN B 56 26.34 -25.22 -23.01
N ARG B 57 26.59 -25.65 -24.26
CA ARG B 57 27.28 -24.84 -25.25
C ARG B 57 26.29 -23.95 -25.99
N PHE B 58 26.52 -22.63 -25.94
CA PHE B 58 25.74 -21.68 -26.71
C PHE B 58 26.68 -20.68 -27.38
N CYS B 59 26.28 -20.19 -28.55
CA CYS B 59 27.02 -19.14 -29.24
CA CYS B 59 27.02 -19.14 -29.24
C CYS B 59 26.82 -17.83 -28.49
N GLU B 60 25.55 -17.49 -28.25
CA GLU B 60 25.17 -16.25 -27.60
C GLU B 60 24.13 -16.57 -26.53
N VAL B 61 24.23 -15.85 -25.41
CA VAL B 61 23.16 -15.79 -24.42
C VAL B 61 22.62 -14.36 -24.38
N HIS B 62 21.30 -14.21 -24.38
CA HIS B 62 20.65 -12.92 -24.19
C HIS B 62 19.67 -13.04 -23.03
N PHE B 63 20.12 -12.58 -21.85
CA PHE B 63 19.33 -12.70 -20.64
C PHE B 63 18.72 -11.33 -20.29
N PHE B 64 17.39 -11.30 -20.14
CA PHE B 64 16.66 -10.10 -19.76
C PHE B 64 15.90 -10.38 -18.48
N GLY B 65 15.99 -9.45 -17.52
CA GLY B 65 15.28 -9.66 -16.28
C GLY B 65 15.09 -8.38 -15.47
N ALA B 66 14.06 -8.39 -14.62
CA ALA B 66 13.83 -7.33 -13.65
C ALA B 66 15.05 -7.24 -12.74
N GLY B 67 15.45 -6.01 -12.40
CA GLY B 67 16.55 -5.75 -11.49
C GLY B 67 17.92 -5.72 -12.19
N CYS B 68 17.96 -6.17 -13.45
CA CYS B 68 19.20 -6.27 -14.22
C CYS B 68 19.57 -4.92 -14.81
N ILE B 69 19.74 -3.94 -13.91
CA ILE B 69 20.16 -2.59 -14.26
C ILE B 69 21.67 -2.61 -14.46
N PRO B 70 22.30 -1.53 -15.00
CA PRO B 70 23.73 -1.54 -15.30
C PRO B 70 24.61 -2.00 -14.13
N GLU B 71 24.25 -1.56 -12.92
CA GLU B 71 24.92 -1.90 -11.68
C GLU B 71 25.03 -3.43 -11.50
N LYS B 72 24.01 -4.17 -11.97
CA LYS B 72 23.90 -5.59 -11.68
C LYS B 72 24.31 -6.44 -12.89
N VAL B 73 24.52 -5.80 -14.04
CA VAL B 73 24.87 -6.49 -15.28
C VAL B 73 26.12 -7.38 -15.09
N PRO B 74 27.25 -6.90 -14.51
CA PRO B 74 28.43 -7.74 -14.32
C PRO B 74 28.19 -8.98 -13.46
N VAL B 75 27.36 -8.82 -12.42
CA VAL B 75 27.07 -9.88 -11.45
C VAL B 75 26.28 -11.01 -12.12
N VAL B 76 25.23 -10.65 -12.88
CA VAL B 76 24.41 -11.61 -13.58
C VAL B 76 25.23 -12.29 -14.68
N ARG B 77 25.96 -11.48 -15.46
CA ARG B 77 26.77 -11.97 -16.56
C ARG B 77 27.75 -13.03 -16.07
N ASN B 78 28.34 -12.79 -14.88
CA ASN B 78 29.34 -13.68 -14.28
C ASN B 78 28.71 -15.01 -13.87
N VAL B 79 27.50 -14.98 -13.30
CA VAL B 79 26.80 -16.20 -12.92
C VAL B 79 26.51 -17.06 -14.16
N LEU B 80 26.04 -16.42 -15.24
CA LEU B 80 25.73 -17.11 -16.49
C LEU B 80 27.00 -17.75 -17.06
N LYS B 81 28.10 -16.98 -17.07
CA LYS B 81 29.38 -17.45 -17.59
C LYS B 81 29.90 -18.64 -16.81
N GLY B 82 29.63 -18.70 -15.50
CA GLY B 82 30.07 -19.78 -14.63
C GLY B 82 29.19 -21.03 -14.70
N CYS B 83 28.05 -20.95 -15.41
CA CYS B 83 27.05 -22.01 -15.46
C CYS B 83 26.95 -22.62 -16.86
N LEU B 84 27.37 -21.85 -17.86
CA LEU B 84 27.19 -22.20 -19.27
C LEU B 84 28.55 -22.16 -19.96
N ASP B 85 28.63 -22.70 -21.18
CA ASP B 85 29.81 -22.59 -22.02
C ASP B 85 29.46 -21.72 -23.23
N VAL B 86 29.70 -20.40 -23.11
CA VAL B 86 29.30 -19.43 -24.13
C VAL B 86 30.52 -19.01 -24.94
N SER B 87 30.42 -19.07 -26.27
CA SER B 87 31.61 -18.82 -27.09
C SER B 87 31.70 -17.36 -27.53
N SER B 88 30.56 -16.75 -27.87
CA SER B 88 30.59 -15.44 -28.52
C SER B 88 30.25 -14.30 -27.56
N LEU B 89 29.03 -14.31 -26.99
CA LEU B 89 28.51 -13.13 -26.31
C LEU B 89 27.53 -13.50 -25.21
N ILE B 90 27.65 -12.84 -24.04
CA ILE B 90 26.60 -12.83 -23.03
C ILE B 90 26.09 -11.39 -22.84
N GLU B 91 24.86 -11.14 -23.29
CA GLU B 91 24.18 -9.87 -23.07
C GLU B 91 23.23 -10.02 -21.88
N VAL B 92 23.24 -9.02 -20.99
CA VAL B 92 22.34 -8.95 -19.85
C VAL B 92 21.67 -7.58 -19.84
N ASP B 93 20.34 -7.57 -19.74
CA ASP B 93 19.61 -6.31 -19.70
C ASP B 93 18.28 -6.53 -18.99
N THR B 94 17.41 -5.51 -19.04
CA THR B 94 16.17 -5.48 -18.29
C THR B 94 15.05 -6.19 -19.05
N ASP B 95 14.04 -6.66 -18.31
CA ASP B 95 12.80 -7.19 -18.84
C ASP B 95 12.10 -6.14 -19.72
N MET B 96 12.37 -4.86 -19.43
CA MET B 96 11.76 -3.76 -20.16
C MET B 96 12.33 -3.70 -21.58
N LEU B 97 13.66 -3.85 -21.70
CA LEU B 97 14.28 -3.85 -23.02
C LEU B 97 13.87 -5.10 -23.81
N ALA B 98 13.60 -6.22 -23.13
CA ALA B 98 13.10 -7.42 -23.78
C ALA B 98 11.73 -7.15 -24.38
N ALA B 99 10.86 -6.47 -23.63
CA ALA B 99 9.52 -6.14 -24.11
C ALA B 99 9.62 -5.26 -25.36
N ALA B 100 10.60 -4.35 -25.36
CA ALA B 100 10.81 -3.40 -26.45
C ALA B 100 11.28 -4.11 -27.72
N LYS B 101 12.32 -4.95 -27.60
CA LYS B 101 12.83 -5.67 -28.77
C LYS B 101 11.73 -6.55 -29.35
N ALA B 102 10.91 -7.14 -28.47
CA ALA B 102 9.88 -8.07 -28.89
C ALA B 102 8.77 -7.35 -29.65
N SER B 103 8.31 -6.19 -29.12
CA SER B 103 7.13 -5.54 -29.65
C SER B 103 7.47 -4.57 -30.78
N CYS B 104 8.68 -3.98 -30.75
CA CYS B 104 9.02 -2.90 -31.66
C CYS B 104 10.12 -3.30 -32.64
N GLY B 105 10.91 -4.32 -32.29
CA GLY B 105 12.09 -4.69 -33.07
C GLY B 105 13.11 -3.54 -33.08
N ARG B 106 13.26 -2.90 -34.26
CA ARG B 106 14.23 -1.84 -34.44
C ARG B 106 13.54 -0.49 -34.67
N SER B 107 12.20 -0.46 -34.52
CA SER B 107 11.40 0.74 -34.69
C SER B 107 11.08 1.38 -33.35
N PRO B 108 10.88 2.71 -33.27
CA PRO B 108 10.46 3.37 -32.03
C PRO B 108 9.09 2.89 -31.54
N GLY B 109 8.82 3.05 -30.24
CA GLY B 109 7.48 2.77 -29.72
C GLY B 109 7.38 2.98 -28.21
N ILE B 110 6.15 3.09 -27.74
CA ILE B 110 5.86 3.08 -26.30
C ILE B 110 5.64 1.63 -25.88
N VAL B 111 6.31 1.24 -24.80
CA VAL B 111 6.36 -0.16 -24.40
C VAL B 111 5.95 -0.23 -22.93
N CYS B 112 4.99 -1.10 -22.62
CA CYS B 112 4.54 -1.22 -21.24
C CYS B 112 4.55 -2.69 -20.81
N ILE B 113 4.86 -2.91 -19.54
CA ILE B 113 4.77 -4.23 -18.93
C ILE B 113 3.62 -4.20 -17.93
N MET B 114 2.75 -5.20 -17.99
CA MET B 114 1.69 -5.35 -17.00
C MET B 114 1.69 -6.80 -16.54
N GLY B 115 2.44 -7.07 -15.46
CA GLY B 115 2.51 -8.38 -14.82
C GLY B 115 2.25 -8.27 -13.32
N THR B 116 3.15 -8.84 -12.50
CA THR B 116 3.13 -8.67 -11.06
C THR B 116 3.23 -7.19 -10.71
N GLY B 117 4.13 -6.47 -11.41
CA GLY B 117 4.22 -5.02 -11.39
C GLY B 117 3.89 -4.46 -12.76
N SER B 118 3.97 -3.13 -12.91
CA SER B 118 3.76 -2.50 -14.21
C SER B 118 4.91 -1.54 -14.49
N ASN B 119 5.11 -1.20 -15.77
CA ASN B 119 6.17 -0.27 -16.15
C ASN B 119 5.86 0.28 -17.55
N SER B 120 6.44 1.43 -17.86
CA SER B 120 6.23 2.06 -19.16
C SER B 120 7.45 2.87 -19.54
N CYS B 121 7.78 2.83 -20.83
CA CYS B 121 9.00 3.46 -21.33
C CYS B 121 8.78 3.86 -22.79
N PHE B 122 9.66 4.73 -23.29
CA PHE B 122 9.75 4.99 -24.71
C PHE B 122 11.04 4.36 -25.24
N TYR B 123 10.89 3.55 -26.29
CA TYR B 123 12.00 2.86 -26.91
C TYR B 123 12.29 3.54 -28.25
N ASP B 124 13.56 3.90 -28.48
CA ASP B 124 13.90 4.74 -29.60
C ASP B 124 14.26 3.90 -30.82
N GLY B 125 14.12 2.58 -30.71
CA GLY B 125 14.47 1.68 -31.79
C GLY B 125 15.80 0.95 -31.53
N GLU B 126 16.60 1.46 -30.60
CA GLU B 126 17.86 0.83 -30.25
C GLU B 126 17.90 0.57 -28.74
N LYS B 127 17.55 1.59 -27.95
CA LYS B 127 17.53 1.49 -26.49
C LYS B 127 16.36 2.28 -25.90
N ILE B 128 16.10 2.03 -24.61
CA ILE B 128 15.09 2.76 -23.85
C ILE B 128 15.59 4.20 -23.64
N ALA B 129 14.81 5.16 -24.14
CA ALA B 129 15.22 6.55 -24.13
C ALA B 129 14.56 7.32 -22.99
N ALA B 130 13.38 6.87 -22.56
CA ALA B 130 12.66 7.50 -21.45
C ALA B 130 11.81 6.44 -20.74
N ASN B 131 11.46 6.73 -19.49
CA ASN B 131 10.67 5.83 -18.68
C ASN B 131 9.94 6.62 -17.57
N VAL B 132 8.85 6.04 -17.07
CA VAL B 132 8.18 6.49 -15.86
C VAL B 132 8.47 5.46 -14.77
N SER B 133 9.19 5.89 -13.72
CA SER B 133 9.43 5.00 -12.60
C SER B 133 8.10 4.49 -12.06
N PRO B 134 7.95 3.15 -11.90
CA PRO B 134 6.68 2.54 -11.50
C PRO B 134 6.24 2.85 -10.05
N LEU B 135 7.22 2.93 -9.14
CA LEU B 135 7.13 3.35 -7.75
C LEU B 135 6.69 2.22 -6.81
N GLY B 136 6.45 1.01 -7.36
CA GLY B 136 6.14 -0.14 -6.51
C GLY B 136 4.65 -0.25 -6.18
N PHE B 137 4.27 -1.36 -5.51
CA PHE B 137 2.87 -1.76 -5.39
C PHE B 137 2.09 -0.84 -4.44
N ILE B 138 2.81 -0.06 -3.62
CA ILE B 138 2.15 0.82 -2.65
C ILE B 138 1.87 2.18 -3.30
N LEU B 139 2.90 2.79 -3.91
CA LEU B 139 2.86 4.17 -4.39
C LEU B 139 2.37 4.25 -5.83
N GLY B 140 2.59 3.18 -6.61
CA GLY B 140 2.38 3.20 -8.04
C GLY B 140 1.95 1.83 -8.57
N ASP B 141 2.65 1.34 -9.60
CA ASP B 141 2.41 0.05 -10.24
C ASP B 141 0.97 -0.09 -10.73
N GLU B 142 0.37 1.01 -11.23
CA GLU B 142 -1.01 0.98 -11.70
C GLU B 142 -1.21 -0.15 -12.71
N GLY B 143 -2.38 -0.80 -12.63
CA GLY B 143 -2.79 -1.84 -13.54
C GLY B 143 -2.08 -3.18 -13.30
N SER B 144 -1.13 -3.24 -12.36
CA SER B 144 -0.37 -4.47 -12.16
C SER B 144 -1.23 -5.50 -11.42
N GLY B 145 -0.84 -6.78 -11.53
CA GLY B 145 -1.42 -7.83 -10.71
C GLY B 145 -1.40 -7.49 -9.22
N ALA B 146 -0.29 -6.94 -8.71
CA ALA B 146 -0.20 -6.60 -7.29
C ALA B 146 -1.27 -5.59 -6.92
N VAL B 147 -1.45 -4.58 -7.77
CA VAL B 147 -2.37 -3.49 -7.47
C VAL B 147 -3.81 -3.96 -7.67
N LEU B 148 -4.06 -4.78 -8.71
CA LEU B 148 -5.39 -5.36 -8.87
C LEU B 148 -5.78 -6.13 -7.61
N GLY B 149 -4.85 -6.92 -7.07
CA GLY B 149 -5.06 -7.69 -5.85
C GLY B 149 -5.37 -6.77 -4.67
N LYS B 150 -4.63 -5.66 -4.55
CA LYS B 150 -4.79 -4.68 -3.50
C LYS B 150 -6.20 -4.06 -3.58
N LEU B 151 -6.63 -3.73 -4.80
CA LEU B 151 -7.94 -3.13 -5.01
C LEU B 151 -9.03 -4.15 -4.66
N LEU B 152 -8.85 -5.40 -5.11
CA LEU B 152 -9.85 -6.41 -4.86
C LEU B 152 -10.07 -6.60 -3.35
N ILE B 153 -8.99 -6.77 -2.60
CA ILE B 153 -9.09 -7.14 -1.19
C ILE B 153 -9.77 -6.01 -0.43
N GLY B 154 -9.35 -4.76 -0.70
CA GLY B 154 -10.02 -3.61 -0.12
C GLY B 154 -11.53 -3.62 -0.39
N ASP B 155 -11.91 -3.85 -1.65
CA ASP B 155 -13.31 -3.81 -2.07
C ASP B 155 -14.13 -4.90 -1.39
N LEU B 156 -13.59 -6.13 -1.34
CA LEU B 156 -14.29 -7.28 -0.77
C LEU B 156 -14.48 -7.09 0.74
N LEU B 157 -13.37 -6.79 1.45
CA LEU B 157 -13.37 -6.73 2.91
C LEU B 157 -14.17 -5.52 3.41
N LYS B 158 -14.22 -4.43 2.62
CA LYS B 158 -15.01 -3.27 3.00
C LYS B 158 -16.42 -3.35 2.40
N ASN B 159 -16.82 -4.55 1.94
CA ASN B 159 -18.21 -4.84 1.61
C ASN B 159 -18.71 -3.98 0.44
N GLN B 160 -17.85 -3.72 -0.54
CA GLN B 160 -18.21 -2.87 -1.67
C GLN B 160 -18.71 -3.73 -2.84
N MET B 161 -18.66 -5.06 -2.69
CA MET B 161 -18.87 -5.94 -3.83
C MET B 161 -19.96 -6.97 -3.55
N GLY B 162 -20.52 -6.93 -2.33
CA GLY B 162 -21.52 -7.87 -1.90
C GLY B 162 -20.93 -8.99 -1.07
N GLU B 163 -21.80 -9.71 -0.35
CA GLU B 163 -21.40 -10.77 0.56
C GLU B 163 -20.91 -11.99 -0.23
N GLU B 164 -21.62 -12.34 -1.30
CA GLU B 164 -21.33 -13.55 -2.07
C GLU B 164 -19.87 -13.56 -2.53
N LEU B 165 -19.44 -12.52 -3.26
CA LEU B 165 -18.09 -12.47 -3.80
C LEU B 165 -17.04 -12.50 -2.69
N LYS B 166 -17.33 -11.85 -1.55
CA LYS B 166 -16.39 -11.81 -0.43
C LYS B 166 -16.15 -13.23 0.10
N GLU B 167 -17.26 -13.93 0.42
CA GLU B 167 -17.24 -15.27 0.97
C GLU B 167 -16.55 -16.23 0.00
N LYS B 168 -16.90 -16.12 -1.29
CA LYS B 168 -16.32 -16.93 -2.34
C LYS B 168 -14.80 -16.77 -2.37
N PHE B 169 -14.31 -15.52 -2.24
CA PHE B 169 -12.89 -15.22 -2.28
C PHE B 169 -12.16 -15.87 -1.10
N LEU B 170 -12.69 -15.66 0.11
CA LEU B 170 -12.06 -16.12 1.33
C LEU B 170 -12.05 -17.65 1.36
N ARG B 171 -13.12 -18.26 0.86
CA ARG B 171 -13.26 -19.71 0.82
C ARG B 171 -12.26 -20.30 -0.18
N GLN B 172 -12.14 -19.70 -1.38
CA GLN B 172 -11.31 -20.22 -2.45
C GLN B 172 -9.84 -20.27 -2.03
N TYR B 173 -9.34 -19.18 -1.44
CA TYR B 173 -7.93 -19.06 -1.13
C TYR B 173 -7.64 -19.47 0.33
N GLU B 174 -8.68 -19.94 1.04
CA GLU B 174 -8.56 -20.39 2.43
C GLU B 174 -7.92 -19.31 3.28
N LEU B 175 -8.48 -18.10 3.20
CA LEU B 175 -7.95 -16.92 3.85
C LEU B 175 -8.98 -16.40 4.84
N THR B 176 -8.48 -15.88 5.96
CA THR B 176 -9.24 -15.01 6.84
C THR B 176 -8.72 -13.59 6.65
N PRO B 177 -9.47 -12.54 7.05
CA PRO B 177 -8.94 -11.17 7.07
C PRO B 177 -7.63 -11.03 7.85
N ALA B 178 -7.53 -11.73 8.99
CA ALA B 178 -6.31 -11.77 9.80
C ALA B 178 -5.11 -12.27 8.99
N ASN B 179 -5.30 -13.33 8.20
CA ASN B 179 -4.25 -13.89 7.36
C ASN B 179 -3.79 -12.84 6.35
N ILE B 180 -4.77 -12.19 5.71
CA ILE B 180 -4.54 -11.16 4.71
C ILE B 180 -3.70 -10.01 5.29
N ILE B 181 -4.10 -9.50 6.46
CA ILE B 181 -3.37 -8.40 7.10
C ILE B 181 -1.93 -8.86 7.33
N GLU B 182 -1.79 -10.08 7.87
CA GLU B 182 -0.51 -10.71 8.13
C GLU B 182 0.36 -10.76 6.87
N ARG B 183 -0.21 -11.18 5.75
CA ARG B 183 0.57 -11.38 4.53
C ARG B 183 0.93 -10.04 3.89
N VAL B 184 0.03 -9.06 4.01
CA VAL B 184 0.24 -7.80 3.33
C VAL B 184 1.27 -6.95 4.09
N TYR B 185 1.26 -7.01 5.43
CA TYR B 185 1.97 -6.03 6.24
C TYR B 185 3.18 -6.61 6.97
N ARG B 186 3.23 -7.94 7.14
CA ARG B 186 4.21 -8.49 8.06
C ARG B 186 4.97 -9.67 7.46
N GLN B 187 4.74 -10.01 6.18
CA GLN B 187 5.42 -11.14 5.55
C GLN B 187 6.20 -10.67 4.33
N PRO B 188 7.29 -11.38 3.92
CA PRO B 188 7.99 -11.10 2.67
C PRO B 188 7.12 -11.09 1.41
N PHE B 189 7.55 -10.31 0.41
CA PHE B 189 6.95 -10.23 -0.91
C PHE B 189 5.43 -10.06 -0.84
N PRO B 190 4.91 -9.04 -0.11
CA PRO B 190 3.46 -8.78 -0.08
C PRO B 190 2.85 -8.52 -1.46
N ASN B 191 3.64 -7.97 -2.39
CA ASN B 191 3.21 -7.70 -3.76
C ASN B 191 2.93 -9.02 -4.48
N ARG B 192 3.71 -10.06 -4.16
CA ARG B 192 3.56 -11.35 -4.81
C ARG B 192 2.30 -12.03 -4.27
N PHE B 193 2.06 -11.90 -2.97
CA PHE B 193 0.84 -12.43 -2.38
C PHE B 193 -0.37 -11.79 -3.06
N LEU B 194 -0.31 -10.47 -3.24
CA LEU B 194 -1.47 -9.71 -3.73
C LEU B 194 -1.72 -10.09 -5.20
N ALA B 195 -0.63 -10.14 -5.98
CA ALA B 195 -0.69 -10.53 -7.37
C ALA B 195 -1.24 -11.95 -7.49
N GLY B 196 -0.88 -12.82 -6.53
CA GLY B 196 -1.24 -14.24 -6.58
C GLY B 196 -2.73 -14.50 -6.40
N ILE B 197 -3.47 -13.52 -5.84
CA ILE B 197 -4.91 -13.67 -5.64
C ILE B 197 -5.68 -12.83 -6.67
N SER B 198 -4.95 -12.11 -7.51
CA SER B 198 -5.57 -11.26 -8.52
C SER B 198 -6.32 -12.05 -9.59
N PRO B 199 -5.92 -13.29 -9.99
CA PRO B 199 -6.68 -14.05 -10.99
C PRO B 199 -8.18 -14.22 -10.70
N PHE B 200 -8.57 -14.09 -9.42
CA PHE B 200 -9.97 -14.12 -9.02
C PHE B 200 -10.80 -13.16 -9.88
N LEU B 201 -10.19 -12.04 -10.32
CA LEU B 201 -10.84 -11.04 -11.16
C LEU B 201 -11.17 -11.64 -12.53
N ALA B 202 -10.17 -12.24 -13.19
CA ALA B 202 -10.34 -12.88 -14.49
C ALA B 202 -11.37 -14.01 -14.41
N GLU B 203 -11.36 -14.73 -13.28
CA GLU B 203 -12.25 -15.86 -13.04
C GLU B 203 -13.69 -15.38 -12.81
N ASN B 204 -13.88 -14.10 -12.49
CA ASN B 204 -15.17 -13.57 -12.10
C ASN B 204 -15.50 -12.30 -12.86
N ILE B 205 -14.91 -12.16 -14.06
CA ILE B 205 -14.84 -10.90 -14.80
C ILE B 205 -16.22 -10.45 -15.28
N GLU B 206 -17.17 -11.40 -15.35
CA GLU B 206 -18.52 -11.16 -15.86
C GLU B 206 -19.35 -10.43 -14.80
N HIS B 207 -18.88 -10.42 -13.56
CA HIS B 207 -19.48 -9.62 -12.50
C HIS B 207 -19.19 -8.15 -12.75
N PRO B 208 -20.23 -7.29 -12.86
CA PRO B 208 -20.05 -5.88 -13.20
C PRO B 208 -18.99 -5.17 -12.35
N ALA B 209 -19.04 -5.36 -11.02
CA ALA B 209 -18.15 -4.69 -10.08
C ALA B 209 -16.69 -5.11 -10.31
N ILE B 210 -16.47 -6.39 -10.66
CA ILE B 210 -15.15 -6.92 -10.99
C ILE B 210 -14.63 -6.26 -12.26
N HIS B 211 -15.46 -6.25 -13.30
CA HIS B 211 -15.08 -5.64 -14.58
C HIS B 211 -14.70 -4.17 -14.34
N SER B 212 -15.55 -3.48 -13.57
CA SER B 212 -15.37 -2.07 -13.23
C SER B 212 -14.04 -1.83 -12.51
N LEU B 213 -13.72 -2.66 -11.52
CA LEU B 213 -12.44 -2.59 -10.83
C LEU B 213 -11.29 -2.58 -11.83
N VAL B 214 -11.30 -3.55 -12.75
CA VAL B 214 -10.19 -3.77 -13.67
C VAL B 214 -10.12 -2.62 -14.68
N LEU B 215 -11.27 -2.17 -15.18
CA LEU B 215 -11.30 -1.08 -16.16
C LEU B 215 -10.70 0.19 -15.57
N ASN B 216 -11.07 0.52 -14.33
CA ASN B 216 -10.63 1.75 -13.67
C ASN B 216 -9.14 1.68 -13.37
N ALA B 217 -8.64 0.50 -12.98
CA ALA B 217 -7.22 0.29 -12.72
C ALA B 217 -6.38 0.52 -13.98
N PHE B 218 -6.87 0.02 -15.11
CA PHE B 218 -6.23 0.18 -16.40
C PHE B 218 -6.24 1.65 -16.83
N LYS B 219 -7.40 2.31 -16.71
CA LYS B 219 -7.47 3.73 -17.02
C LYS B 219 -6.39 4.51 -16.24
N SER B 220 -6.24 4.20 -14.94
CA SER B 220 -5.27 4.88 -14.09
C SER B 220 -3.84 4.61 -14.55
N PHE B 221 -3.54 3.41 -15.06
CA PHE B 221 -2.22 3.08 -15.55
C PHE B 221 -1.89 3.92 -16.79
N LEU B 222 -2.85 4.00 -17.72
CA LEU B 222 -2.73 4.74 -18.95
C LEU B 222 -2.58 6.24 -18.70
N THR B 223 -3.44 6.82 -17.85
CA THR B 223 -3.41 8.27 -17.63
C THR B 223 -2.14 8.67 -16.88
N ARG B 224 -1.70 7.83 -15.93
CA ARG B 224 -0.60 8.18 -15.05
C ARG B 224 0.76 7.81 -15.66
N ASN B 225 0.78 6.84 -16.58
CA ASN B 225 2.04 6.31 -17.06
C ASN B 225 2.22 6.58 -18.56
N VAL B 226 1.34 6.00 -19.39
CA VAL B 226 1.53 6.03 -20.83
C VAL B 226 1.40 7.46 -21.33
N MET B 227 0.52 8.24 -20.71
CA MET B 227 0.17 9.55 -21.24
C MET B 227 1.30 10.56 -21.01
N GLN B 228 2.32 10.15 -20.27
CA GLN B 228 3.53 10.95 -20.09
C GLN B 228 4.36 10.96 -21.38
N PHE B 229 4.11 9.99 -22.28
CA PHE B 229 4.87 9.87 -23.52
C PHE B 229 4.10 10.49 -24.69
N ASP B 230 4.73 10.49 -25.88
CA ASP B 230 4.15 11.09 -27.07
C ASP B 230 3.19 10.08 -27.71
N TYR B 231 2.06 9.84 -27.04
CA TYR B 231 1.18 8.71 -27.32
C TYR B 231 0.28 8.95 -28.54
N THR B 232 0.14 10.21 -29.00
CA THR B 232 -0.59 10.46 -30.23
C THR B 232 0.28 10.12 -31.44
N ARG B 233 1.59 10.01 -31.24
CA ARG B 233 2.51 9.74 -32.33
C ARG B 233 2.83 8.26 -32.40
N TYR B 234 2.98 7.61 -31.24
CA TYR B 234 3.39 6.20 -31.17
C TYR B 234 2.27 5.36 -30.57
N LYS B 235 2.04 4.20 -31.17
CA LYS B 235 1.15 3.20 -30.59
C LYS B 235 1.84 2.56 -29.38
N ALA B 236 1.03 2.18 -28.39
CA ALA B 236 1.54 1.64 -27.14
C ALA B 236 1.43 0.12 -27.18
N HIS B 237 2.56 -0.54 -26.87
CA HIS B 237 2.65 -1.99 -26.82
C HIS B 237 2.56 -2.46 -25.38
N PHE B 238 1.89 -3.60 -25.16
CA PHE B 238 1.70 -4.15 -23.83
C PHE B 238 2.17 -5.60 -23.81
N ILE B 239 2.98 -5.92 -22.79
CA ILE B 239 3.53 -7.26 -22.60
C ILE B 239 3.26 -7.67 -21.17
N GLY B 240 2.73 -8.89 -20.97
CA GLY B 240 2.52 -9.41 -19.62
C GLY B 240 1.19 -10.15 -19.51
N SER B 241 1.10 -11.02 -18.48
CA SER B 241 -0.07 -11.85 -18.24
C SER B 241 -1.29 -11.00 -17.88
N VAL B 242 -1.07 -9.84 -17.26
CA VAL B 242 -2.20 -9.01 -16.90
C VAL B 242 -2.73 -8.30 -18.15
N ALA B 243 -1.81 -7.84 -19.00
CA ALA B 243 -2.20 -7.17 -20.24
C ALA B 243 -2.93 -8.17 -21.15
N TYR B 244 -2.46 -9.41 -21.15
CA TYR B 244 -2.97 -10.43 -22.05
C TYR B 244 -4.33 -10.96 -21.59
N TYR B 245 -4.43 -11.36 -20.30
CA TYR B 245 -5.61 -12.04 -19.77
C TYR B 245 -6.76 -11.05 -19.48
N TYR B 246 -6.50 -9.74 -19.61
CA TYR B 246 -7.52 -8.70 -19.50
C TYR B 246 -7.49 -7.83 -20.74
N LYS B 247 -7.04 -8.41 -21.87
CA LYS B 247 -6.86 -7.71 -23.13
C LYS B 247 -8.07 -6.83 -23.49
N ASP B 248 -9.28 -7.40 -23.46
CA ASP B 248 -10.49 -6.70 -23.88
C ASP B 248 -10.71 -5.44 -23.04
N ILE B 249 -10.41 -5.53 -21.74
CA ILE B 249 -10.65 -4.42 -20.83
C ILE B 249 -9.55 -3.37 -21.04
N LEU B 250 -8.35 -3.83 -21.38
CA LEU B 250 -7.24 -2.92 -21.67
C LEU B 250 -7.58 -2.08 -22.90
N GLU B 251 -8.12 -2.72 -23.94
CA GLU B 251 -8.50 -2.05 -25.19
C GLU B 251 -9.62 -1.04 -24.91
N GLU B 252 -10.54 -1.43 -24.02
CA GLU B 252 -11.63 -0.55 -23.61
C GLU B 252 -11.04 0.65 -22.87
N ALA B 253 -10.08 0.40 -21.97
CA ALA B 253 -9.40 1.47 -21.24
C ALA B 253 -8.70 2.41 -22.22
N ALA B 254 -8.03 1.83 -23.24
CA ALA B 254 -7.30 2.58 -24.24
C ALA B 254 -8.23 3.47 -25.07
N ALA B 255 -9.39 2.93 -25.47
CA ALA B 255 -10.35 3.66 -26.29
C ALA B 255 -11.00 4.78 -25.45
N ALA B 256 -11.23 4.51 -24.17
CA ALA B 256 -11.75 5.53 -23.26
C ALA B 256 -10.74 6.67 -23.05
N THR B 257 -9.44 6.41 -23.24
CA THR B 257 -8.44 7.41 -22.88
C THR B 257 -7.75 8.03 -24.11
N GLY B 258 -7.96 7.48 -25.30
CA GLY B 258 -7.40 8.04 -26.51
C GLY B 258 -6.00 7.50 -26.84
N ILE B 259 -5.61 6.39 -26.20
CA ILE B 259 -4.36 5.71 -26.48
C ILE B 259 -4.58 4.66 -27.58
N ARG B 260 -3.62 4.58 -28.51
CA ARG B 260 -3.67 3.65 -29.64
C ARG B 260 -2.80 2.45 -29.35
N THR B 261 -3.43 1.31 -29.04
CA THR B 261 -2.72 0.09 -28.71
C THR B 261 -2.07 -0.50 -29.97
N GLY B 262 -0.90 -1.10 -29.79
CA GLY B 262 -0.29 -1.95 -30.80
C GLY B 262 -0.38 -3.42 -30.39
N THR B 263 0.78 -4.01 -30.12
CA THR B 263 0.92 -5.40 -29.67
C THR B 263 0.41 -5.55 -28.23
N ILE B 264 -0.40 -6.60 -28.00
CA ILE B 264 -0.74 -7.06 -26.67
C ILE B 264 -0.44 -8.57 -26.58
N VAL B 265 0.61 -8.92 -25.84
CA VAL B 265 1.12 -10.29 -25.79
C VAL B 265 1.41 -10.69 -24.35
N ARG B 266 1.26 -11.99 -24.06
CA ARG B 266 1.44 -12.54 -22.73
C ARG B 266 2.88 -12.35 -22.28
N ASN B 267 3.84 -12.61 -23.17
CA ASN B 267 5.26 -12.50 -22.84
C ASN B 267 6.04 -12.18 -24.10
N PRO B 268 7.29 -11.70 -23.99
CA PRO B 268 8.07 -11.29 -25.17
C PRO B 268 8.84 -12.37 -25.95
N MET B 269 8.62 -13.65 -25.62
CA MET B 269 9.47 -14.72 -26.17
C MET B 269 9.31 -14.86 -27.69
N GLU B 270 8.06 -14.98 -28.17
CA GLU B 270 7.72 -14.96 -29.59
C GLU B 270 8.49 -13.85 -30.32
N GLY B 271 8.29 -12.62 -29.84
CA GLY B 271 8.90 -11.42 -30.41
C GLY B 271 10.43 -11.47 -30.39
N LEU B 272 11.01 -11.94 -29.28
CA LEU B 272 12.46 -12.10 -29.16
C LEU B 272 12.99 -13.11 -30.17
N ARG B 273 12.21 -14.15 -30.48
CA ARG B 273 12.63 -15.13 -31.48
C ARG B 273 12.67 -14.49 -32.86
N THR B 274 11.66 -13.64 -33.15
CA THR B 274 11.62 -12.90 -34.41
C THR B 274 12.81 -11.95 -34.47
N TYR B 275 13.11 -11.32 -33.33
CA TYR B 275 14.20 -10.36 -33.21
C TYR B 275 15.53 -10.99 -33.59
N TYR B 276 15.80 -12.21 -33.11
CA TYR B 276 17.13 -12.79 -33.30
C TYR B 276 17.25 -13.56 -34.61
N SER B 277 16.18 -13.59 -35.40
CA SER B 277 16.15 -14.32 -36.66
C SER B 277 16.38 -13.42 -37.87
N THR B 278 15.97 -12.13 -37.75
CA THR B 278 15.88 -11.19 -38.87
C THR B 278 16.71 -11.67 -40.07
PG ACP C . -4.18 7.32 15.39
O1G ACP C . -5.23 6.69 16.28
O2G ACP C . -2.85 6.64 15.54
O3G ACP C . -4.63 7.37 13.95
PB ACP C . -2.41 9.87 15.89
O1B ACP C . -1.43 9.00 15.18
O2B ACP C . -2.00 10.33 17.27
C3B ACP C . -4.02 9.02 16.00
PA ACP C . -3.05 12.69 15.12
O1A ACP C . -2.08 13.34 16.05
O2A ACP C . -4.52 12.80 15.35
O3A ACP C . -2.68 11.13 14.95
O5' ACP C . -2.72 13.20 13.63
C5' ACP C . -1.65 12.57 12.93
C4' ACP C . -1.70 13.01 11.48
O4' ACP C . -2.16 14.39 11.41
C3' ACP C . -0.36 12.97 10.74
O3' ACP C . -0.58 12.60 9.39
C2' ACP C . 0.12 14.42 10.88
O2' ACP C . 1.09 14.79 9.92
C1' ACP C . -1.20 15.16 10.71
N9 ACP C . -1.19 16.53 11.20
C8 ACP C . -0.93 16.92 12.49
N7 ACP C . -0.94 18.23 12.65
C5 ACP C . -1.20 18.72 11.38
C6 ACP C . -1.34 20.04 10.87
N6 ACP C . -1.24 21.12 11.63
N1 ACP C . -1.60 20.18 9.55
C2 ACP C . -1.72 19.07 8.80
N3 ACP C . -1.62 17.79 9.17
C4 ACP C . -1.35 17.68 10.48
S SO4 D . 0.74 2.59 13.79
O1 SO4 D . -0.52 2.84 14.45
O2 SO4 D . 1.16 3.76 13.06
O3 SO4 D . 1.74 2.25 14.77
O4 SO4 D . 0.58 1.49 12.87
S SO4 E . -4.19 17.91 26.67
O1 SO4 E . -5.51 17.78 27.22
O2 SO4 E . -4.21 18.85 25.58
O3 SO4 E . -3.73 16.63 26.21
O4 SO4 E . -3.30 18.38 27.69
S SO4 F . 15.95 2.49 25.95
O1 SO4 F . 16.86 2.82 24.89
O2 SO4 F . 15.22 3.67 26.35
O3 SO4 F . 15.03 1.48 25.50
O4 SO4 F . 16.70 1.99 27.07
C TAM G . -3.24 1.27 11.22
C1 TAM G . -3.30 2.38 12.31
C2 TAM G . -3.57 -0.11 11.84
C3 TAM G . -1.80 1.28 10.62
C4 TAM G . -2.59 3.63 11.88
C5 TAM G . -5.04 -0.39 12.01
C6 TAM G . -1.55 0.37 9.45
N TAM G . -4.22 1.60 10.18
O4 TAM G . -2.07 4.38 12.98
O5 TAM G . -5.57 -1.02 10.85
O6 TAM G . -1.21 1.12 8.29
PG ACP H . 7.63 -13.46 -15.38
PG ACP H . 6.87 -7.99 -13.75
O1G ACP H . 7.95 -13.90 -13.97
O1G ACP H . 8.04 -8.82 -13.27
O2G ACP H . 8.85 -13.23 -16.21
O2G ACP H . 5.90 -7.68 -12.66
O3G ACP H . 6.64 -14.38 -16.05
O3G ACP H . 7.31 -6.75 -14.48
PB ACP H . 5.52 -11.77 -13.93
PB ACP H . 6.12 -10.84 -14.65
O1B ACP H . 4.88 -10.41 -14.02
O1B ACP H . 6.78 -11.04 -13.30
O2B ACP H . 6.04 -12.15 -12.57
O2B ACP H . 6.85 -11.42 -15.83
C3B ACP H . 6.85 -11.85 -15.16
C3B ACP H . 5.98 -9.04 -14.93
PA ACP H . 3.20 -12.83 -15.37
PA ACP H . 3.57 -11.92 -15.69
O1A ACP H . 2.68 -14.23 -15.49
O1A ACP H . 3.61 -13.41 -15.75
O2A ACP H . 3.49 -12.06 -16.63
O2A ACP H . 3.75 -11.15 -16.95
O3A ACP H . 4.50 -12.88 -14.44
O3A ACP H . 4.64 -11.42 -14.60
O5' ACP H . 2.22 -11.96 -14.47
O5' ACP H . 2.20 -11.47 -14.98
C5' ACP H . 2.23 -12.11 -13.03
C5' ACP H . 1.91 -11.86 -13.62
C4' ACP H . 0.83 -11.91 -12.53
C4' ACP H . 0.50 -11.46 -13.29
O4' ACP H . -0.11 -12.43 -13.51
O4' ACP H . -0.42 -12.02 -14.26
C3' ACP H . 0.49 -12.64 -11.21
C3' ACP H . -0.02 -11.90 -11.91
O3' ACP H . -0.43 -11.85 -10.45
O3' ACP H . -0.81 -10.89 -11.30
C2' ACP H . -0.18 -13.92 -11.72
C2' ACP H . -0.86 -13.13 -12.26
O2' ACP H . -0.99 -14.56 -10.76
O2' ACP H . -1.84 -13.47 -11.30
C1' ACP H . -0.98 -13.34 -12.88
C1' ACP H . -1.46 -12.68 -13.59
N9 ACP H . -1.44 -14.35 -13.82
N9 ACP H . -1.95 -13.81 -14.38
C8 ACP H . -0.73 -15.43 -14.29
C8 ACP H . -1.20 -14.83 -14.91
N7 ACP H . -1.43 -16.20 -15.10
N7 ACP H . -1.93 -15.75 -15.52
C5 ACP H . -2.68 -15.60 -15.15
C5 ACP H . -3.23 -15.32 -15.35
C6 ACP H . -3.86 -15.93 -15.84
C6 ACP H . -4.47 -15.85 -15.78
N6 ACP H . -3.98 -16.99 -16.63
N6 ACP H . -4.60 -16.97 -16.47
N1 ACP H . -4.93 -15.12 -15.67
N1 ACP H . -5.59 -15.16 -15.44
C2 ACP H . -4.80 -14.05 -14.88
C2 ACP H . -5.46 -14.03 -14.75
N3 ACP H . -3.74 -13.64 -14.18
N3 ACP H . -4.36 -13.43 -14.31
C4 ACP H . -2.70 -14.46 -14.37
C4 ACP H . -3.26 -14.13 -14.64
S SO4 I . 9.44 -8.41 -6.73
O1 SO4 I . 8.27 -8.96 -7.37
O2 SO4 I . 9.71 -7.11 -7.26
O3 SO4 I . 9.20 -8.30 -5.31
O4 SO4 I . 10.56 -9.28 -6.96
S SO4 J . -12.55 0.32 -7.13
O1 SO4 J . -12.45 0.85 -8.47
O2 SO4 J . -12.99 1.36 -6.23
O3 SO4 J . -11.26 -0.17 -6.70
O4 SO4 J . -13.50 -0.75 -7.12
S SO4 K . 5.64 -18.90 -26.24
O1 SO4 K . 5.40 -18.54 -27.61
O2 SO4 K . 6.08 -17.75 -25.50
O3 SO4 K . 4.42 -19.39 -25.66
O4 SO4 K . 6.66 -19.91 -26.19
MG MG L . 4.78 -15.66 -16.06
C1 EDO M . 21.48 -8.79 -1.99
O1 EDO M . 21.45 -9.23 -3.35
C2 EDO M . 21.24 -9.95 -1.07
O2 EDO M . 20.08 -10.67 -1.42
C1 PEG N . 9.47 -1.14 -8.83
C2 PEG N . 8.79 -2.23 -8.06
O2 PEG N . 7.93 -2.98 -8.92
C3 PEG N . 7.71 -4.32 -8.46
C4 PEG N . 8.13 -5.29 -9.51
O4 PEG N . 7.31 -6.44 -9.54
C1 PEG O . 13.51 -15.09 -2.53
C2 PEG O . 12.99 -15.31 -3.92
O2 PEG O . 13.64 -14.41 -4.81
C3 PEG O . 13.08 -14.42 -6.12
C4 PEG O . 13.94 -13.63 -7.05
O4 PEG O . 13.16 -13.10 -8.11
C1 PEG P . 1.33 -19.67 -0.52
O1 PEG P . 0.21 -19.19 0.19
C2 PEG P . 1.38 -19.01 -1.86
O2 PEG P . 1.66 -17.62 -1.68
C3 PEG P . 0.85 -16.78 -2.50
C4 PEG P . 1.67 -16.19 -3.60
O4 PEG P . 2.76 -15.47 -3.05
#